data_2WM1
#
_entry.id   2WM1
#
_cell.length_a   86.227
_cell.length_b   86.227
_cell.length_c   92.168
_cell.angle_alpha   90.00
_cell.angle_beta   90.00
_cell.angle_gamma   120.00
#
_symmetry.space_group_name_H-M   'P 32 2 1'
#
loop_
_entity.id
_entity.type
_entity.pdbx_description
1 polymer '2-AMINO-3-CARBOXYMUCONATE-6-SEMIALDEHYDE DECARBOXYLASE'
2 non-polymer 'ZINC ION'
3 non-polymer 1,3-DIHYDROXYACETONEPHOSPHATE
4 non-polymer GLYCEROL
5 water water
#
_entity_poly.entity_id   1
_entity_poly.type   'polypeptide(L)'
_entity_poly.pdbx_seq_one_letter_code
;MKIDIHSHILPKEWPDLKKRFGYGGWVQLQHHSKGEAKLLKDGKVFRVVRENCWDPEVRIREMDQKGVTVQALSTVPVMF
SYWAKPEDTLNLCQLLNNDLASTVVSYPRRFVGLGTLPMQAPELAVKEMERCVKELGFPGVQIGTHVNEWDLNAQELFPV
YAAAERLKCSLFVHPWDMQMDGRMAKYWLPWLVGMPAETTIAICSMIMGGVFEKFPKLKVCFAHGGGAFPFTVGRISHGF
SMRPDLCAQDNPMNPKKYLGSFYTDALVHDPLSLKLLTDVIGKDKVILGTDYPFPLGELEPGKLIESMEEFDEETKNKLK
AGNALAFLGLERKQFE
;
_entity_poly.pdbx_strand_id   A
#
loop_
_chem_comp.id
_chem_comp.type
_chem_comp.name
_chem_comp.formula
13P non-polymer 1,3-DIHYDROXYACETONEPHOSPHATE 'C3 H7 O6 P'
GOL non-polymer GLYCEROL 'C3 H8 O3'
ZN non-polymer 'ZINC ION' 'Zn 2'
#
# COMPACT_ATOMS: atom_id res chain seq x y z
N MET A 1 -19.03 -0.49 2.25
CA MET A 1 -19.74 -1.67 2.74
C MET A 1 -19.27 -2.99 2.17
N LYS A 2 -18.09 -3.11 1.56
CA LYS A 2 -17.79 -4.44 0.94
C LYS A 2 -16.38 -4.99 1.14
N ILE A 3 -15.45 -4.61 0.25
CA ILE A 3 -14.04 -5.04 0.39
C ILE A 3 -13.11 -3.85 0.76
N ASP A 4 -12.12 -4.10 1.61
CA ASP A 4 -11.23 -3.03 2.11
C ASP A 4 -9.81 -3.35 1.67
N ILE A 5 -9.33 -2.69 0.61
CA ILE A 5 -7.99 -2.99 0.05
C ILE A 5 -6.84 -2.54 0.92
N HIS A 6 -7.11 -1.73 1.94
CA HIS A 6 -6.02 -1.06 2.64
C HIS A 6 -6.17 -1.23 4.15
N SER A 7 -5.52 -2.24 4.72
CA SER A 7 -5.59 -2.51 6.18
C SER A 7 -4.28 -3.17 6.58
N HIS A 8 -3.86 -2.93 7.82
CA HIS A 8 -2.53 -3.26 8.27
C HIS A 8 -2.71 -4.17 9.48
N ILE A 9 -1.79 -5.15 9.61
CA ILE A 9 -1.82 -6.10 10.73
C ILE A 9 -0.40 -6.52 11.01
N LEU A 10 -0.12 -6.93 12.25
CA LEU A 10 1.18 -7.43 12.66
C LEU A 10 1.02 -8.81 13.32
N PRO A 11 2.14 -9.56 13.39
CA PRO A 11 2.14 -10.72 14.28
C PRO A 11 1.91 -10.36 15.75
N LYS A 12 1.21 -11.25 16.45
CA LYS A 12 1.15 -11.27 17.93
C LYS A 12 2.48 -10.87 18.57
N GLU A 13 3.51 -11.64 18.27
CA GLU A 13 4.86 -11.44 18.83
C GLU A 13 5.83 -11.81 17.75
N TRP A 14 7.06 -11.29 17.82
CA TRP A 14 8.17 -11.86 17.06
C TRP A 14 9.44 -11.81 17.89
N PRO A 15 10.47 -12.56 17.46
CA PRO A 15 11.80 -12.61 18.10
C PRO A 15 12.48 -11.24 18.26
N ASP A 16 13.50 -11.19 19.13
CA ASP A 16 14.41 -10.04 19.25
C ASP A 16 15.27 -9.90 18.01
N LEU A 17 14.97 -8.94 17.15
CA LEU A 17 15.60 -8.92 15.83
C LEU A 17 17.07 -8.52 15.88
N LYS A 18 17.41 -7.69 16.85
CA LYS A 18 18.78 -7.27 17.08
C LYS A 18 19.67 -8.49 17.39
N LYS A 19 19.16 -9.37 18.24
CA LYS A 19 19.85 -10.62 18.57
C LYS A 19 19.89 -11.58 17.38
N ARG A 20 18.78 -11.69 16.68
CA ARG A 20 18.72 -12.59 15.53
C ARG A 20 19.72 -12.20 14.44
N PHE A 21 19.91 -10.90 14.23
CA PHE A 21 20.65 -10.46 13.04
C PHE A 21 21.99 -9.84 13.36
N GLY A 22 22.19 -9.41 14.60
CA GLY A 22 23.48 -8.87 15.00
C GLY A 22 23.71 -7.37 14.90
N TYR A 23 22.63 -6.59 14.75
CA TYR A 23 22.74 -5.12 14.79
C TYR A 23 21.37 -4.49 15.06
N GLY A 24 21.35 -3.30 15.64
CA GLY A 24 20.07 -2.68 16.08
C GLY A 24 19.36 -1.98 14.95
N GLY A 25 18.32 -1.20 15.28
CA GLY A 25 17.53 -0.44 14.30
C GLY A 25 16.17 -1.04 13.96
N TRP A 26 15.88 -2.23 14.50
CA TRP A 26 14.65 -2.95 14.13
C TRP A 26 13.50 -2.60 15.06
N VAL A 27 12.27 -2.98 14.69
CA VAL A 27 11.15 -2.71 15.60
C VAL A 27 10.63 -3.94 16.33
N GLN A 28 10.02 -3.71 17.49
CA GLN A 28 9.52 -4.78 18.35
C GLN A 28 8.21 -4.34 18.95
N LEU A 29 7.40 -5.31 19.34
CA LEU A 29 6.06 -5.09 19.86
C LEU A 29 6.09 -5.44 21.35
N GLN A 30 5.60 -4.57 22.21
CA GLN A 30 5.65 -4.86 23.66
C GLN A 30 4.27 -4.78 24.28
N HIS A 31 3.79 -5.91 24.78
CA HIS A 31 2.44 -5.91 25.34
C HIS A 31 2.47 -5.39 26.77
N HIS A 32 2.13 -4.11 26.94
CA HIS A 32 2.20 -3.50 28.28
C HIS A 32 0.92 -3.65 29.09
N SER A 33 -0.22 -3.63 28.44
CA SER A 33 -1.50 -3.48 29.11
C SER A 33 -2.53 -4.30 28.34
N LYS A 34 -3.65 -4.63 28.97
CA LYS A 34 -4.63 -5.52 28.32
C LYS A 34 -5.23 -4.91 27.05
N GLY A 35 -5.14 -5.66 25.96
CA GLY A 35 -5.62 -5.18 24.67
C GLY A 35 -4.81 -4.00 24.18
N GLU A 36 -3.58 -3.85 24.70
CA GLU A 36 -2.72 -2.71 24.31
C GLU A 36 -1.22 -3.05 24.15
N ALA A 37 -0.57 -2.45 23.15
CA ALA A 37 0.84 -2.73 22.91
C ALA A 37 1.61 -1.53 22.40
N LYS A 38 2.91 -1.53 22.65
CA LYS A 38 3.80 -0.48 22.16
C LYS A 38 4.69 -1.00 21.04
N LEU A 39 4.86 -0.19 19.99
CA LEU A 39 5.91 -0.43 18.99
C LEU A 39 7.14 0.40 19.36
N LEU A 40 8.32 -0.24 19.40
CA LEU A 40 9.57 0.50 19.61
C LEU A 40 10.71 0.22 18.60
N LYS A 41 11.56 1.23 18.41
CA LYS A 41 12.77 1.11 17.61
C LYS A 41 13.99 1.47 18.48
N ASP A 42 14.75 0.45 18.85
CA ASP A 42 15.77 0.57 19.92
C ASP A 42 15.30 1.47 21.06
N GLY A 43 14.80 0.83 22.11
CA GLY A 43 14.34 1.56 23.27
C GLY A 43 13.06 2.31 23.02
N LYS A 44 13.14 3.43 22.30
CA LYS A 44 12.00 4.38 22.21
C LYS A 44 10.66 3.86 21.65
N VAL A 45 9.59 4.09 22.41
CA VAL A 45 8.21 3.92 21.96
C VAL A 45 7.93 4.94 20.88
N PHE A 46 7.54 4.49 19.69
CA PHE A 46 7.15 5.40 18.62
C PHE A 46 5.70 5.25 18.17
N ARG A 47 4.97 4.31 18.77
CA ARG A 47 3.57 4.14 18.44
C ARG A 47 2.82 3.27 19.44
N VAL A 48 1.57 3.59 19.73
CA VAL A 48 0.73 2.74 20.59
C VAL A 48 -0.37 2.16 19.73
N VAL A 49 -0.59 0.85 19.80
CA VAL A 49 -1.59 0.18 18.99
C VAL A 49 -2.52 -0.66 19.86
N ARG A 50 -3.70 -0.99 19.31
CA ARG A 50 -4.71 -1.76 20.03
C ARG A 50 -4.67 -3.19 19.57
N GLU A 51 -5.35 -4.04 20.33
CA GLU A 51 -5.63 -5.43 20.01
C GLU A 51 -5.98 -5.72 18.55
N ASN A 52 -6.85 -4.88 17.99
CA ASN A 52 -7.34 -5.12 16.63
C ASN A 52 -6.24 -5.05 15.58
N CYS A 53 -5.03 -4.71 16.02
CA CYS A 53 -3.87 -4.65 15.15
C CYS A 53 -3.18 -6.03 14.99
N TRP A 54 -3.48 -6.97 15.89
CA TRP A 54 -2.96 -8.34 15.69
C TRP A 54 -3.95 -9.51 15.86
N ASP A 55 -5.11 -9.30 16.45
CA ASP A 55 -6.05 -10.37 16.75
C ASP A 55 -7.14 -10.49 15.69
N PRO A 56 -7.09 -11.54 14.87
CA PRO A 56 -8.05 -11.72 13.78
C PRO A 56 -9.49 -11.82 14.27
N GLU A 57 -9.67 -12.46 15.43
CA GLU A 57 -10.99 -12.53 16.04
C GLU A 57 -11.56 -11.12 16.34
N VAL A 58 -10.75 -10.23 16.93
CA VAL A 58 -11.16 -8.87 17.20
C VAL A 58 -11.51 -8.16 15.88
N ARG A 59 -10.67 -8.38 14.85
CA ARG A 59 -10.88 -7.75 13.54
C ARG A 59 -12.20 -8.25 12.91
N ILE A 60 -12.44 -9.55 12.93
CA ILE A 60 -13.70 -10.06 12.39
C ILE A 60 -14.95 -9.44 13.07
N ARG A 61 -14.91 -9.24 14.39
CA ARG A 61 -16.05 -8.66 15.10
C ARG A 61 -16.28 -7.20 14.66
N GLU A 62 -15.20 -6.43 14.56
CA GLU A 62 -15.28 -5.04 14.10
C GLU A 62 -15.66 -4.92 12.63
N MET A 63 -15.21 -5.84 11.79
CA MET A 63 -15.70 -5.90 10.41
C MET A 63 -17.21 -6.17 10.32
N ASP A 64 -17.68 -7.12 11.14
CA ASP A 64 -19.11 -7.46 11.14
C ASP A 64 -19.93 -6.24 11.51
N GLN A 65 -19.52 -5.57 12.59
CA GLN A 65 -20.21 -4.37 13.05
C GLN A 65 -20.32 -3.33 11.96
N LYS A 66 -19.32 -3.29 11.06
CA LYS A 66 -19.23 -2.21 10.05
C LYS A 66 -19.68 -2.65 8.65
N GLY A 67 -20.00 -3.93 8.49
CA GLY A 67 -20.51 -4.38 7.21
C GLY A 67 -19.41 -4.65 6.19
N VAL A 68 -18.21 -4.96 6.69
CA VAL A 68 -17.08 -5.26 5.81
C VAL A 68 -16.87 -6.77 5.65
N THR A 69 -16.89 -7.20 4.39
CA THR A 69 -16.83 -8.59 4.04
C THR A 69 -15.37 -9.08 4.02
N VAL A 70 -14.50 -8.38 3.28
CA VAL A 70 -13.12 -8.82 3.25
C VAL A 70 -12.11 -7.70 3.52
N GLN A 71 -11.08 -7.96 4.32
CA GLN A 71 -9.90 -7.09 4.35
C GLN A 71 -8.71 -7.72 3.60
N ALA A 72 -8.07 -6.93 2.75
CA ALA A 72 -6.76 -7.29 2.29
C ALA A 72 -5.73 -6.89 3.36
N LEU A 73 -5.03 -7.90 3.90
CA LEU A 73 -4.07 -7.67 4.99
C LEU A 73 -2.66 -7.47 4.48
N SER A 74 -2.02 -6.40 4.97
CA SER A 74 -0.63 -6.16 4.70
C SER A 74 0.01 -5.72 6.00
N THR A 75 1.33 -5.82 6.05
CA THR A 75 2.03 -5.44 7.25
C THR A 75 2.03 -3.90 7.48
N VAL A 76 2.45 -3.47 8.67
CA VAL A 76 2.73 -2.05 8.96
C VAL A 76 4.01 -1.64 8.22
N PRO A 77 3.95 -0.53 7.43
CA PRO A 77 5.05 -0.15 6.55
C PRO A 77 6.44 0.00 7.22
N VAL A 78 6.48 0.32 8.50
CA VAL A 78 7.73 0.48 9.23
C VAL A 78 8.49 -0.84 9.31
N MET A 79 7.76 -1.95 9.10
CA MET A 79 8.38 -3.26 8.98
C MET A 79 9.10 -3.52 7.64
N PHE A 80 8.90 -2.66 6.62
CA PHE A 80 9.54 -2.88 5.31
C PHE A 80 11.06 -3.25 5.43
N SER A 81 11.80 -2.45 6.22
CA SER A 81 13.20 -2.71 6.53
C SER A 81 14.11 -2.78 5.30
N TYR A 82 13.89 -1.87 4.34
CA TYR A 82 14.66 -1.85 3.10
C TYR A 82 16.11 -1.42 3.33
N TRP A 83 16.35 -0.80 4.50
CA TRP A 83 17.65 -0.29 4.90
C TRP A 83 18.60 -1.43 5.34
N ALA A 84 18.10 -2.64 5.65
CA ALA A 84 18.95 -3.65 6.33
C ALA A 84 19.81 -4.48 5.38
N LYS A 85 20.55 -5.47 5.87
CA LYS A 85 21.23 -6.41 4.92
C LYS A 85 20.15 -7.18 4.16
N PRO A 86 20.38 -7.45 2.86
CA PRO A 86 19.35 -8.09 2.04
C PRO A 86 18.80 -9.43 2.56
N GLU A 87 19.67 -10.28 3.10
CA GLU A 87 19.22 -11.61 3.54
C GLU A 87 18.44 -11.53 4.85
N ASP A 88 18.79 -10.56 5.68
CA ASP A 88 18.09 -10.35 6.96
C ASP A 88 16.70 -9.80 6.70
N THR A 89 16.58 -8.81 5.82
CA THR A 89 15.24 -8.31 5.43
C THR A 89 14.41 -9.46 4.83
N LEU A 90 15.04 -10.28 3.99
CA LEU A 90 14.29 -11.41 3.42
C LEU A 90 13.83 -12.38 4.52
N ASN A 91 14.71 -12.68 5.47
CA ASN A 91 14.34 -13.58 6.60
C ASN A 91 13.13 -13.06 7.39
N LEU A 92 13.14 -11.78 7.76
CA LEU A 92 11.95 -11.10 8.33
C LEU A 92 10.74 -11.12 7.41
N CYS A 93 10.94 -10.88 6.12
CA CYS A 93 9.84 -11.02 5.13
C CYS A 93 9.16 -12.40 5.17
N GLN A 94 9.97 -13.45 5.19
CA GLN A 94 9.42 -14.78 5.21
C GLN A 94 8.60 -14.97 6.49
N LEU A 95 9.10 -14.46 7.60
CA LEU A 95 8.36 -14.59 8.87
C LEU A 95 6.99 -13.84 8.81
N LEU A 96 6.97 -12.59 8.32
CA LEU A 96 5.72 -11.82 8.22
C LEU A 96 4.76 -12.39 7.18
N ASN A 97 5.29 -12.81 6.03
CA ASN A 97 4.45 -13.46 4.98
C ASN A 97 3.80 -14.77 5.47
N ASN A 98 4.58 -15.63 6.11
CA ASN A 98 4.01 -16.87 6.70
C ASN A 98 2.96 -16.57 7.79
N ASP A 99 3.21 -15.58 8.62
CA ASP A 99 2.23 -15.18 9.62
C ASP A 99 0.93 -14.78 8.94
N LEU A 100 1.05 -13.98 7.89
CA LEU A 100 -0.09 -13.48 7.19
C LEU A 100 -0.82 -14.65 6.53
N ALA A 101 -0.09 -15.56 5.90
CA ALA A 101 -0.74 -16.71 5.26
C ALA A 101 -1.50 -17.60 6.29
N SER A 102 -0.93 -17.79 7.47
CA SER A 102 -1.61 -18.52 8.57
C SER A 102 -2.95 -17.91 8.93
N THR A 103 -2.95 -16.59 9.12
CA THR A 103 -4.18 -15.87 9.40
C THR A 103 -5.22 -16.06 8.30
N VAL A 104 -4.79 -15.97 7.04
CA VAL A 104 -5.69 -16.15 5.90
C VAL A 104 -6.32 -17.55 5.86
N VAL A 105 -5.51 -18.59 6.09
CA VAL A 105 -6.00 -19.95 6.15
C VAL A 105 -7.10 -20.08 7.21
N SER A 106 -6.93 -19.45 8.36
CA SER A 106 -7.95 -19.48 9.41
C SER A 106 -9.30 -18.82 9.08
N TYR A 107 -9.32 -17.85 8.16
CA TYR A 107 -10.56 -17.14 7.83
C TYR A 107 -10.63 -16.82 6.32
N PRO A 108 -10.62 -17.88 5.48
CA PRO A 108 -10.31 -17.65 4.07
C PRO A 108 -11.44 -16.94 3.35
N ARG A 109 -12.58 -16.70 3.99
CA ARG A 109 -13.57 -15.89 3.30
C ARG A 109 -13.68 -14.44 3.75
N ARG A 110 -12.85 -14.06 4.73
CA ARG A 110 -12.82 -12.71 5.29
C ARG A 110 -11.52 -11.94 4.97
N PHE A 111 -10.45 -12.66 4.65
CA PHE A 111 -9.13 -12.04 4.41
C PHE A 111 -8.47 -12.54 3.14
N VAL A 112 -7.61 -11.69 2.55
CA VAL A 112 -6.60 -12.12 1.57
C VAL A 112 -5.32 -11.41 1.96
N GLY A 113 -4.20 -11.88 1.41
CA GLY A 113 -2.90 -11.41 1.88
C GLY A 113 -2.13 -10.65 0.80
N LEU A 114 -1.48 -9.57 1.24
CA LEU A 114 -0.53 -8.79 0.41
C LEU A 114 0.81 -8.87 1.13
N GLY A 115 1.77 -9.54 0.50
CA GLY A 115 3.01 -9.85 1.21
C GLY A 115 4.01 -8.69 1.17
N THR A 116 5.17 -8.88 1.81
CA THR A 116 6.21 -7.87 1.84
C THR A 116 7.52 -8.46 1.23
N LEU A 117 8.32 -7.63 0.53
CA LEU A 117 9.49 -8.10 -0.21
C LEU A 117 10.75 -7.33 0.16
N PRO A 118 11.94 -7.98 0.07
CA PRO A 118 13.24 -7.32 0.24
C PRO A 118 13.61 -6.54 -1.05
N MET A 119 12.91 -5.44 -1.25
CA MET A 119 12.99 -4.66 -2.46
C MET A 119 14.36 -4.07 -2.75
N GLN A 120 15.20 -3.89 -1.71
CA GLN A 120 16.57 -3.41 -1.91
C GLN A 120 17.46 -4.44 -2.59
N ALA A 121 16.98 -5.68 -2.67
CA ALA A 121 17.72 -6.69 -3.42
C ALA A 121 16.77 -7.43 -4.33
N PRO A 122 16.73 -7.00 -5.59
CA PRO A 122 15.75 -7.41 -6.58
C PRO A 122 15.72 -8.93 -6.87
N GLU A 123 16.89 -9.58 -6.80
CA GLU A 123 16.88 -11.05 -7.02
C GLU A 123 16.14 -11.76 -5.90
N LEU A 124 16.38 -11.34 -4.65
CA LEU A 124 15.67 -11.90 -3.48
C LEU A 124 14.19 -11.55 -3.50
N ALA A 125 13.86 -10.35 -3.97
CA ALA A 125 12.47 -9.88 -4.00
C ALA A 125 11.67 -10.70 -4.99
N VAL A 126 12.27 -10.99 -6.16
CA VAL A 126 11.63 -11.83 -7.18
C VAL A 126 11.35 -13.23 -6.62
N LYS A 127 12.32 -13.78 -5.92
CA LYS A 127 12.18 -15.10 -5.34
C LYS A 127 11.14 -15.18 -4.22
N GLU A 128 11.05 -14.15 -3.40
CA GLU A 128 10.04 -14.12 -2.32
C GLU A 128 8.66 -13.83 -2.88
N MET A 129 8.59 -13.04 -3.96
CA MET A 129 7.33 -12.82 -4.71
C MET A 129 6.77 -14.13 -5.32
N GLU A 130 7.65 -14.85 -6.00
CA GLU A 130 7.32 -16.20 -6.52
C GLU A 130 6.72 -17.18 -5.46
N ARG A 131 7.29 -17.16 -4.25
CA ARG A 131 6.83 -17.90 -3.09
C ARG A 131 5.45 -17.43 -2.56
N CYS A 132 5.28 -16.13 -2.39
CA CYS A 132 4.00 -15.59 -1.94
C CYS A 132 2.88 -16.01 -2.88
N VAL A 133 3.15 -15.92 -4.19
CA VAL A 133 2.16 -16.25 -5.22
C VAL A 133 1.92 -17.78 -5.40
N LYS A 134 2.97 -18.55 -5.68
CA LYS A 134 2.88 -20.00 -5.87
C LYS A 134 2.63 -20.83 -4.61
N GLU A 135 3.23 -20.45 -3.47
CA GLU A 135 3.06 -21.28 -2.25
C GLU A 135 2.05 -20.75 -1.25
N LEU A 136 2.00 -19.44 -1.07
CA LEU A 136 1.17 -18.87 -0.02
C LEU A 136 -0.19 -18.49 -0.57
N GLY A 137 -0.26 -18.37 -1.88
CA GLY A 137 -1.50 -18.05 -2.58
C GLY A 137 -1.95 -16.59 -2.52
N PHE A 138 -1.03 -15.68 -2.21
CA PHE A 138 -1.35 -14.26 -2.23
C PHE A 138 -1.60 -13.71 -3.64
N PRO A 139 -2.56 -12.80 -3.75
CA PRO A 139 -2.89 -12.18 -5.03
C PRO A 139 -2.00 -10.98 -5.36
N GLY A 140 -1.20 -10.55 -4.40
CA GLY A 140 -0.36 -9.36 -4.61
C GLY A 140 0.52 -9.07 -3.44
N VAL A 141 1.23 -7.94 -3.52
CA VAL A 141 2.14 -7.48 -2.44
C VAL A 141 2.03 -5.97 -2.24
N GLN A 142 2.40 -5.53 -1.03
CA GLN A 142 2.50 -4.12 -0.66
C GLN A 142 3.99 -3.71 -0.59
N ILE A 143 4.31 -2.64 -1.32
CA ILE A 143 5.65 -2.08 -1.37
C ILE A 143 5.61 -0.61 -1.05
N GLY A 144 6.78 -0.07 -0.70
CA GLY A 144 6.89 1.35 -0.41
C GLY A 144 7.01 2.21 -1.66
N THR A 145 6.77 3.51 -1.45
CA THR A 145 6.91 4.51 -2.49
C THR A 145 8.36 4.73 -3.01
N HIS A 146 9.39 4.38 -2.23
CA HIS A 146 10.79 4.44 -2.71
C HIS A 146 11.61 3.40 -1.93
N VAL A 147 12.81 3.06 -2.42
CA VAL A 147 13.61 2.00 -1.78
C VAL A 147 15.01 2.55 -1.56
N ASN A 148 15.27 3.06 -0.36
CA ASN A 148 16.49 3.83 -0.05
C ASN A 148 16.58 4.97 -1.07
N GLU A 149 17.62 5.02 -1.90
CA GLU A 149 17.69 6.10 -2.93
C GLU A 149 17.01 5.80 -4.25
N TRP A 150 16.42 4.60 -4.43
CA TRP A 150 15.67 4.26 -5.68
C TRP A 150 14.23 4.77 -5.56
N ASP A 151 13.83 5.58 -6.51
CA ASP A 151 12.42 5.79 -6.70
C ASP A 151 11.93 4.66 -7.64
N LEU A 152 10.64 4.57 -7.88
CA LEU A 152 10.15 3.39 -8.58
C LEU A 152 10.37 3.39 -10.09
N ASN A 153 10.97 4.46 -10.62
CA ASN A 153 11.45 4.46 -12.01
C ASN A 153 12.72 3.60 -12.17
N ALA A 154 13.36 3.24 -11.06
CA ALA A 154 14.72 2.64 -11.13
C ALA A 154 14.77 1.33 -11.95
N GLN A 155 15.63 1.33 -12.98
CA GLN A 155 15.86 0.14 -13.79
C GLN A 155 16.26 -1.08 -12.99
N GLU A 156 16.91 -0.92 -11.85
CA GLU A 156 17.28 -2.10 -11.03
C GLU A 156 16.04 -2.87 -10.56
N LEU A 157 14.86 -2.21 -10.60
CA LEU A 157 13.62 -2.83 -10.10
C LEU A 157 12.79 -3.50 -11.21
N PHE A 158 13.20 -3.27 -12.45
CA PHE A 158 12.51 -3.85 -13.60
C PHE A 158 12.32 -5.38 -13.50
N PRO A 159 13.32 -6.12 -12.98
CA PRO A 159 13.05 -7.55 -12.82
C PRO A 159 11.86 -7.86 -11.91
N VAL A 160 11.63 -7.03 -10.90
CA VAL A 160 10.45 -7.21 -10.01
C VAL A 160 9.16 -6.96 -10.78
N TYR A 161 9.15 -5.90 -11.62
CA TYR A 161 7.93 -5.60 -12.37
C TYR A 161 7.63 -6.73 -13.39
N ALA A 162 8.71 -7.24 -13.98
CA ALA A 162 8.60 -8.32 -14.96
C ALA A 162 8.06 -9.55 -14.27
N ALA A 163 8.63 -9.91 -13.11
CA ALA A 163 8.09 -11.04 -12.33
C ALA A 163 6.58 -10.87 -11.99
N ALA A 164 6.17 -9.64 -11.66
CA ALA A 164 4.76 -9.35 -11.34
C ALA A 164 3.84 -9.59 -12.50
N GLU A 165 4.24 -9.12 -13.70
CA GLU A 165 3.49 -9.43 -14.92
C GLU A 165 3.33 -10.94 -15.16
N ARG A 166 4.42 -11.71 -15.08
CA ARG A 166 4.35 -13.15 -15.31
C ARG A 166 3.52 -13.87 -14.26
N LEU A 167 3.74 -13.51 -13.00
CA LEU A 167 3.01 -14.16 -11.93
C LEU A 167 1.59 -13.65 -11.72
N LYS A 168 1.19 -12.61 -12.48
CA LYS A 168 -0.04 -11.86 -12.21
C LYS A 168 -0.16 -11.39 -10.75
N CYS A 169 0.92 -10.79 -10.23
CA CYS A 169 0.96 -10.35 -8.82
C CYS A 169 0.69 -8.84 -8.72
N SER A 170 -0.39 -8.44 -8.04
CA SER A 170 -0.74 -7.01 -7.97
C SER A 170 0.19 -6.27 -7.05
N LEU A 171 0.39 -4.97 -7.30
CA LEU A 171 1.26 -4.17 -6.43
C LEU A 171 0.43 -3.05 -5.77
N PHE A 172 0.41 -3.05 -4.44
CA PHE A 172 -0.21 -1.96 -3.69
C PHE A 172 0.94 -1.07 -3.17
N VAL A 173 0.99 0.17 -3.68
CA VAL A 173 2.08 1.07 -3.29
C VAL A 173 1.69 1.99 -2.13
N HIS A 174 2.46 1.90 -1.05
CA HIS A 174 2.13 2.64 0.20
C HIS A 174 3.25 3.62 0.59
N PRO A 175 2.90 4.90 0.81
CA PRO A 175 3.92 5.88 1.21
C PRO A 175 4.56 5.48 2.53
N TRP A 176 5.86 5.73 2.68
CA TRP A 176 6.60 5.34 3.88
C TRP A 176 7.94 6.07 3.95
N ASP A 177 8.63 5.93 5.06
CA ASP A 177 9.96 6.49 5.23
C ASP A 177 10.00 7.96 4.82
N MET A 178 9.00 8.73 5.29
CA MET A 178 8.93 10.20 5.07
C MET A 178 9.95 10.87 5.99
N GLN A 179 10.35 12.12 5.70
CA GLN A 179 11.08 12.90 6.70
C GLN A 179 10.24 13.08 7.98
N MET A 180 10.87 12.85 9.13
CA MET A 180 10.17 12.87 10.44
C MET A 180 10.69 13.97 11.36
N ASP A 181 11.81 14.60 11.00
CA ASP A 181 12.52 15.44 11.95
C ASP A 181 12.57 16.86 11.41
N GLY A 182 13.26 17.76 12.10
CA GLY A 182 13.37 19.14 11.62
C GLY A 182 12.01 19.84 11.53
N ARG A 183 11.73 20.49 10.42
CA ARG A 183 10.45 21.19 10.21
C ARG A 183 9.22 20.25 10.19
N MET A 184 9.43 18.97 9.92
CA MET A 184 8.29 18.05 9.81
C MET A 184 7.87 17.50 11.19
N ALA A 185 8.66 17.82 12.21
CA ALA A 185 8.35 17.42 13.59
C ALA A 185 7.28 18.28 14.27
N LYS A 186 6.16 18.54 13.61
CA LYS A 186 5.06 19.26 14.28
C LYS A 186 3.83 19.01 13.47
N TYR A 187 2.69 19.19 14.12
CA TYR A 187 1.38 19.19 13.47
C TYR A 187 1.07 17.89 12.67
N TRP A 188 1.74 16.80 13.00
CA TRP A 188 1.54 15.53 12.28
C TRP A 188 1.81 15.68 10.79
N LEU A 189 2.69 16.62 10.42
CA LEU A 189 2.93 16.90 8.99
C LEU A 189 3.46 15.69 8.16
N PRO A 190 4.29 14.81 8.75
CA PRO A 190 4.68 13.65 7.93
C PRO A 190 3.51 12.85 7.35
N TRP A 191 2.48 12.66 8.17
CA TRP A 191 1.27 11.89 7.77
C TRP A 191 0.30 12.73 6.94
N LEU A 192 0.15 14.00 7.32
CA LEU A 192 -0.82 14.88 6.65
C LEU A 192 -0.33 15.45 5.30
N VAL A 193 0.98 15.70 5.18
CA VAL A 193 1.55 16.25 3.95
C VAL A 193 2.58 15.32 3.33
N GLY A 194 3.45 14.74 4.16
CA GLY A 194 4.56 13.91 3.66
C GLY A 194 4.08 12.66 2.89
N MET A 195 3.06 12.00 3.42
CA MET A 195 2.52 10.81 2.78
C MET A 195 1.97 11.10 1.38
N PRO A 196 1.05 12.08 1.26
CA PRO A 196 0.57 12.41 -0.08
C PRO A 196 1.69 12.87 -1.05
N ALA A 197 2.69 13.60 -0.54
CA ALA A 197 3.79 13.96 -1.43
C ALA A 197 4.55 12.70 -1.86
N GLU A 198 4.83 11.78 -0.94
CA GLU A 198 5.53 10.53 -1.31
C GLU A 198 4.77 9.81 -2.41
N THR A 199 3.45 9.71 -2.26
CA THR A 199 2.63 9.02 -3.29
C THR A 199 2.68 9.70 -4.67
N THR A 200 2.70 11.03 -4.69
CA THR A 200 2.69 11.76 -5.96
C THR A 200 4.00 11.55 -6.67
N ILE A 201 5.10 11.55 -5.90
CA ILE A 201 6.45 11.25 -6.42
C ILE A 201 6.51 9.81 -6.99
N ALA A 202 5.84 8.87 -6.33
CA ALA A 202 5.83 7.48 -6.83
C ALA A 202 5.05 7.41 -8.15
N ILE A 203 3.94 8.13 -8.26
CA ILE A 203 3.12 8.05 -9.50
C ILE A 203 3.87 8.70 -10.66
N CYS A 204 4.43 9.89 -10.40
CA CYS A 204 5.30 10.55 -11.39
C CYS A 204 6.50 9.68 -11.79
N SER A 205 7.08 8.97 -10.83
CA SER A 205 8.31 8.17 -11.12
C SER A 205 8.02 6.96 -12.05
N MET A 206 6.89 6.31 -11.78
CA MET A 206 6.48 5.17 -12.59
C MET A 206 5.99 5.61 -13.98
N ILE A 207 5.31 6.75 -14.04
CA ILE A 207 4.95 7.30 -15.35
C ILE A 207 6.17 7.72 -16.18
N MET A 208 6.91 8.71 -15.71
CA MET A 208 8.01 9.27 -16.50
C MET A 208 9.19 8.30 -16.63
N GLY A 209 9.29 7.33 -15.73
CA GLY A 209 10.26 6.25 -15.91
C GLY A 209 9.84 5.18 -16.93
N GLY A 210 8.65 5.30 -17.48
CA GLY A 210 8.18 4.36 -18.53
C GLY A 210 7.70 3.00 -18.02
N VAL A 211 7.47 2.88 -16.71
CA VAL A 211 7.06 1.59 -16.12
C VAL A 211 5.72 1.10 -16.68
N PHE A 212 4.71 1.98 -16.75
CA PHE A 212 3.41 1.55 -17.29
C PHE A 212 3.48 1.28 -18.81
N GLU A 213 4.35 2.02 -19.50
CA GLU A 213 4.58 1.83 -20.93
C GLU A 213 5.30 0.48 -21.18
N LYS A 214 6.32 0.16 -20.40
CA LYS A 214 7.09 -1.07 -20.67
C LYS A 214 6.45 -2.35 -20.11
N PHE A 215 5.62 -2.17 -19.04
CA PHE A 215 4.96 -3.32 -18.36
C PHE A 215 3.46 -3.10 -18.33
N PRO A 216 2.85 -3.14 -19.52
CA PRO A 216 1.43 -2.79 -19.65
C PRO A 216 0.47 -3.80 -18.98
N LYS A 217 0.96 -4.97 -18.55
CA LYS A 217 0.03 -5.86 -17.80
C LYS A 217 0.13 -5.70 -16.26
N LEU A 218 1.09 -4.90 -15.81
CA LEU A 218 1.30 -4.66 -14.39
C LEU A 218 0.07 -3.96 -13.75
N LYS A 219 -0.49 -4.56 -12.68
CA LYS A 219 -1.55 -3.92 -11.94
C LYS A 219 -1.01 -3.23 -10.70
N VAL A 220 -1.25 -1.92 -10.58
CA VAL A 220 -0.74 -1.11 -9.49
C VAL A 220 -1.88 -0.25 -8.89
N CYS A 221 -1.95 -0.19 -7.57
CA CYS A 221 -2.90 0.67 -6.91
C CYS A 221 -2.06 1.51 -5.92
N PHE A 222 -2.26 2.82 -5.90
CA PHE A 222 -1.56 3.70 -4.96
C PHE A 222 -2.48 4.03 -3.75
N ALA A 223 -1.89 4.11 -2.56
CA ALA A 223 -2.66 4.39 -1.32
C ALA A 223 -3.10 5.86 -1.25
N HIS A 224 -4.08 6.17 -0.37
CA HIS A 224 -4.52 7.54 -0.09
C HIS A 224 -4.91 8.40 -1.30
N GLY A 225 -5.76 7.82 -2.16
CA GLY A 225 -6.22 8.53 -3.31
C GLY A 225 -5.22 9.08 -4.33
N GLY A 226 -4.05 8.47 -4.45
CA GLY A 226 -3.08 9.06 -5.36
C GLY A 226 -2.34 10.26 -4.76
N GLY A 227 -2.44 10.49 -3.45
CA GLY A 227 -1.75 11.67 -2.84
C GLY A 227 -2.29 13.01 -3.35
N ALA A 228 -1.45 13.88 -3.90
CA ALA A 228 -1.93 15.13 -4.55
C ALA A 228 -2.28 14.99 -6.03
N PHE A 229 -1.87 13.89 -6.63
CA PHE A 229 -1.86 13.74 -8.08
C PHE A 229 -3.17 14.08 -8.79
N PRO A 230 -4.29 13.66 -8.22
CA PRO A 230 -5.55 13.94 -8.94
C PRO A 230 -5.82 15.47 -9.10
N PHE A 231 -5.36 16.26 -8.14
CA PHE A 231 -5.43 17.72 -8.23
C PHE A 231 -4.23 18.41 -8.95
N THR A 232 -3.04 17.85 -8.84
CA THR A 232 -1.87 18.50 -9.45
C THR A 232 -1.45 17.91 -10.82
N VAL A 233 -2.22 16.94 -11.34
CA VAL A 233 -1.92 16.32 -12.64
C VAL A 233 -1.86 17.35 -13.80
N GLY A 234 -2.59 18.45 -13.68
CA GLY A 234 -2.52 19.48 -14.74
C GLY A 234 -1.16 20.17 -14.70
N ARG A 235 -0.69 20.45 -13.49
CA ARG A 235 0.62 21.09 -13.31
C ARG A 235 1.67 20.14 -13.86
N ILE A 236 1.60 18.89 -13.45
CA ILE A 236 2.58 17.88 -13.90
C ILE A 236 2.57 17.68 -15.42
N SER A 237 1.39 17.58 -16.01
CA SER A 237 1.27 17.33 -17.44
C SER A 237 1.79 18.55 -18.23
N HIS A 238 1.42 19.76 -17.82
CA HIS A 238 1.92 21.01 -18.45
C HIS A 238 3.43 21.16 -18.34
N GLY A 239 3.99 20.87 -17.17
CA GLY A 239 5.41 20.99 -16.97
C GLY A 239 6.22 20.03 -17.85
N PHE A 240 5.71 18.79 -17.96
CA PHE A 240 6.29 17.75 -18.85
C PHE A 240 6.33 18.28 -20.31
N SER A 241 5.23 18.84 -20.77
CA SER A 241 5.19 19.43 -22.11
C SER A 241 6.20 20.55 -22.33
N MET A 242 6.43 21.38 -21.30
CA MET A 242 7.30 22.55 -21.39
C MET A 242 8.78 22.25 -21.26
N ARG A 243 9.14 21.22 -20.49
CA ARG A 243 10.55 20.92 -20.30
C ARG A 243 10.83 19.42 -20.49
N PRO A 244 10.70 18.93 -21.73
CA PRO A 244 10.98 17.53 -22.04
C PRO A 244 12.44 17.19 -21.77
N ASP A 245 13.31 18.21 -21.83
CA ASP A 245 14.73 18.03 -21.48
C ASP A 245 14.87 17.57 -20.03
N LEU A 246 13.92 17.96 -19.17
CA LEU A 246 13.94 17.57 -17.77
C LEU A 246 13.07 16.32 -17.52
N CYS A 247 12.01 16.17 -18.32
CA CYS A 247 10.87 15.29 -17.96
C CYS A 247 10.66 14.07 -18.86
N ALA A 248 11.18 14.13 -20.08
CA ALA A 248 10.81 13.15 -21.11
C ALA A 248 11.96 12.24 -21.59
N GLN A 249 13.10 12.24 -20.89
CA GLN A 249 14.28 11.49 -21.34
C GLN A 249 14.14 9.97 -21.13
N ASP A 250 13.21 9.54 -20.28
CA ASP A 250 13.03 8.10 -20.06
C ASP A 250 11.74 7.58 -20.69
N ASN A 251 10.82 8.49 -21.00
CA ASN A 251 9.51 8.14 -21.52
C ASN A 251 8.82 9.38 -22.07
N PRO A 252 8.82 9.53 -23.41
CA PRO A 252 8.33 10.75 -24.06
C PRO A 252 6.81 10.96 -24.09
N MET A 253 6.01 9.97 -23.70
CA MET A 253 4.54 10.14 -23.72
C MET A 253 4.03 11.02 -22.54
N ASN A 254 3.13 11.97 -22.80
CA ASN A 254 2.60 12.84 -21.76
C ASN A 254 1.90 12.08 -20.57
N PRO A 255 2.20 12.45 -19.32
CA PRO A 255 1.62 11.72 -18.21
C PRO A 255 0.12 11.52 -18.35
N LYS A 256 -0.56 12.47 -18.98
CA LYS A 256 -2.02 12.36 -19.08
C LYS A 256 -2.50 11.12 -19.82
N LYS A 257 -1.64 10.57 -20.67
CA LYS A 257 -2.03 9.44 -21.46
C LYS A 257 -2.13 8.19 -20.56
N TYR A 258 -1.56 8.24 -19.35
CA TYR A 258 -1.61 7.08 -18.43
C TYR A 258 -2.80 7.05 -17.41
N LEU A 259 -3.72 8.01 -17.50
CA LEU A 259 -4.89 8.03 -16.62
C LEU A 259 -5.76 6.89 -17.10
N GLY A 260 -6.12 5.98 -16.21
CA GLY A 260 -6.72 4.71 -16.67
C GLY A 260 -5.77 3.52 -16.63
N SER A 261 -4.48 3.78 -16.37
CA SER A 261 -3.45 2.72 -16.38
C SER A 261 -3.18 2.07 -15.03
N PHE A 262 -3.62 2.75 -13.96
CA PHE A 262 -3.41 2.30 -12.60
C PHE A 262 -4.64 2.64 -11.73
N TYR A 263 -4.68 2.04 -10.52
CA TYR A 263 -5.73 2.25 -9.54
C TYR A 263 -5.29 3.15 -8.39
N THR A 264 -6.25 3.65 -7.62
CA THR A 264 -5.96 4.27 -6.32
C THR A 264 -6.99 3.75 -5.31
N ASP A 265 -6.70 3.81 -4.02
CA ASP A 265 -7.76 3.56 -3.07
C ASP A 265 -8.62 4.83 -2.98
N ALA A 266 -9.71 4.78 -2.24
CA ALA A 266 -10.69 5.90 -2.24
C ALA A 266 -10.58 6.74 -0.97
N LEU A 267 -9.46 6.56 -0.27
CA LEU A 267 -9.27 7.14 1.05
C LEU A 267 -8.86 8.65 1.00
N VAL A 268 -9.87 9.49 0.75
CA VAL A 268 -9.73 10.97 0.58
C VAL A 268 -10.73 11.77 1.41
N HIS A 269 -11.48 11.08 2.28
CA HIS A 269 -12.22 11.73 3.40
C HIS A 269 -13.40 12.64 3.01
N ASP A 270 -13.23 13.53 2.02
CA ASP A 270 -14.28 14.47 1.61
C ASP A 270 -14.99 14.10 0.29
N PRO A 271 -16.32 14.35 0.20
CA PRO A 271 -17.02 14.08 -1.08
C PRO A 271 -16.53 14.90 -2.30
N LEU A 272 -16.18 16.17 -2.12
CA LEU A 272 -15.65 16.89 -3.29
C LEU A 272 -14.39 16.18 -3.73
N SER A 273 -13.61 15.67 -2.78
CA SER A 273 -12.31 15.06 -3.19
C SER A 273 -12.55 13.72 -3.87
N LEU A 274 -13.49 12.94 -3.35
CA LEU A 274 -13.83 11.66 -4.00
C LEU A 274 -14.38 11.85 -5.43
N LYS A 275 -15.21 12.87 -5.64
CA LYS A 275 -15.68 13.15 -7.02
C LYS A 275 -14.53 13.52 -7.99
N LEU A 276 -13.61 14.38 -7.55
CA LEU A 276 -12.50 14.71 -8.47
C LEU A 276 -11.68 13.44 -8.79
N LEU A 277 -11.42 12.62 -7.78
CA LEU A 277 -10.65 11.36 -7.92
C LEU A 277 -11.27 10.48 -8.99
N THR A 278 -12.60 10.27 -8.91
CA THR A 278 -13.21 9.40 -9.92
C THR A 278 -13.21 10.09 -11.30
N ASP A 279 -13.41 11.40 -11.33
CA ASP A 279 -13.40 12.15 -12.59
C ASP A 279 -12.02 12.00 -13.28
N VAL A 280 -10.96 11.94 -12.49
CA VAL A 280 -9.62 11.94 -13.05
C VAL A 280 -9.09 10.52 -13.28
N ILE A 281 -9.14 9.67 -12.24
CA ILE A 281 -8.58 8.28 -12.24
C ILE A 281 -9.56 7.31 -12.98
N GLY A 282 -10.87 7.57 -12.87
CA GLY A 282 -11.85 6.71 -13.54
C GLY A 282 -12.76 5.97 -12.56
N LYS A 283 -14.04 5.79 -12.91
CA LYS A 283 -14.94 5.00 -12.00
C LYS A 283 -14.56 3.54 -11.83
N ASP A 284 -13.75 3.04 -12.76
CA ASP A 284 -13.34 1.61 -12.80
C ASP A 284 -12.02 1.38 -12.06
N LYS A 285 -11.46 2.47 -11.53
CA LYS A 285 -10.07 2.51 -11.06
C LYS A 285 -9.88 2.96 -9.58
N VAL A 286 -10.99 3.10 -8.84
CA VAL A 286 -10.95 3.60 -7.47
C VAL A 286 -11.49 2.51 -6.55
N ILE A 287 -10.78 2.26 -5.48
CA ILE A 287 -11.03 1.08 -4.65
C ILE A 287 -11.23 1.47 -3.17
N LEU A 288 -12.38 1.13 -2.62
CA LEU A 288 -12.60 1.30 -1.20
C LEU A 288 -11.41 0.76 -0.44
N GLY A 289 -10.74 1.65 0.29
CA GLY A 289 -9.77 1.22 1.30
C GLY A 289 -9.85 2.10 2.57
N THR A 290 -9.45 1.56 3.72
CA THR A 290 -9.83 2.16 4.97
C THR A 290 -8.68 2.62 5.90
N ASP A 291 -7.49 2.02 5.70
CA ASP A 291 -6.35 2.16 6.61
C ASP A 291 -6.67 1.68 8.04
N TYR A 292 -7.60 0.74 8.14
CA TYR A 292 -7.88 0.05 9.38
C TYR A 292 -6.57 -0.61 9.94
N PRO A 293 -6.32 -0.52 11.26
CA PRO A 293 -7.06 0.11 12.34
C PRO A 293 -6.50 1.47 12.74
N PHE A 294 -5.86 2.20 11.80
CA PHE A 294 -5.24 3.45 12.19
C PHE A 294 -6.22 4.65 12.21
N PRO A 295 -6.02 5.59 13.13
CA PRO A 295 -6.97 6.72 13.31
C PRO A 295 -7.18 7.63 12.09
N LEU A 296 -6.20 7.73 11.21
CA LEU A 296 -6.33 8.58 10.02
C LEU A 296 -7.23 7.91 8.97
N GLY A 297 -7.74 6.73 9.28
CA GLY A 297 -8.59 6.02 8.33
C GLY A 297 -10.05 6.44 8.34
N GLU A 298 -10.84 5.78 7.51
CA GLU A 298 -12.28 6.04 7.46
C GLU A 298 -12.94 5.27 8.62
N LEU A 299 -13.65 5.97 9.50
CA LEU A 299 -14.28 5.39 10.69
C LEU A 299 -15.54 4.53 10.39
N GLU A 300 -16.39 4.97 9.47
CA GLU A 300 -17.48 4.15 8.93
C GLU A 300 -17.16 3.69 7.48
N PRO A 301 -16.59 2.50 7.34
CA PRO A 301 -16.14 2.09 6.01
C PRO A 301 -17.28 2.12 4.98
N GLY A 302 -17.02 2.71 3.81
CA GLY A 302 -17.97 2.75 2.71
C GLY A 302 -18.94 3.91 2.79
N LYS A 303 -18.98 4.60 3.92
CA LYS A 303 -19.91 5.71 4.08
C LYS A 303 -19.71 6.86 3.08
N LEU A 304 -18.47 7.28 2.84
CA LEU A 304 -18.25 8.33 1.83
C LEU A 304 -18.81 7.95 0.45
N ILE A 305 -18.50 6.74 0.02
CA ILE A 305 -18.95 6.26 -1.29
C ILE A 305 -20.48 6.25 -1.37
N GLU A 306 -21.11 5.71 -0.35
CA GLU A 306 -22.57 5.57 -0.33
C GLU A 306 -23.25 6.91 -0.21
N SER A 307 -22.50 7.90 0.25
CA SER A 307 -23.10 9.22 0.43
C SER A 307 -23.09 10.05 -0.88
N MET A 308 -22.57 9.48 -1.98
CA MET A 308 -22.43 10.25 -3.23
C MET A 308 -23.70 10.21 -4.10
N GLU A 309 -24.50 11.29 -4.09
CA GLU A 309 -25.72 11.38 -4.88
C GLU A 309 -25.36 11.38 -6.40
N GLU A 310 -24.11 11.73 -6.73
CA GLU A 310 -23.71 11.75 -8.15
C GLU A 310 -23.49 10.37 -8.77
N PHE A 311 -23.46 9.33 -7.94
CA PHE A 311 -23.05 8.00 -8.41
C PHE A 311 -24.25 7.08 -8.44
N ASP A 312 -24.43 6.33 -9.53
CA ASP A 312 -25.48 5.31 -9.54
C ASP A 312 -25.04 4.09 -8.75
N GLU A 313 -25.96 3.13 -8.64
CA GLU A 313 -25.79 2.02 -7.70
C GLU A 313 -24.70 1.12 -8.24
N GLU A 314 -24.57 1.05 -9.55
CA GLU A 314 -23.58 0.19 -10.19
C GLU A 314 -22.16 0.76 -9.98
N THR A 315 -22.06 2.09 -10.02
CA THR A 315 -20.79 2.76 -9.68
C THR A 315 -20.38 2.55 -8.22
N LYS A 316 -21.31 2.76 -7.28
CA LYS A 316 -21.04 2.47 -5.87
C LYS A 316 -20.53 1.04 -5.61
N ASN A 317 -21.10 0.10 -6.34
CA ASN A 317 -20.73 -1.29 -6.22
C ASN A 317 -19.34 -1.55 -6.74
N LYS A 318 -18.97 -0.86 -7.83
CA LYS A 318 -17.61 -0.94 -8.33
C LYS A 318 -16.63 -0.42 -7.29
N LEU A 319 -16.94 0.76 -6.75
CA LEU A 319 -16.06 1.37 -5.73
C LEU A 319 -15.94 0.54 -4.46
N LYS A 320 -17.05 -0.03 -3.99
CA LYS A 320 -17.05 -0.85 -2.78
C LYS A 320 -16.46 -2.28 -2.88
N ALA A 321 -16.49 -2.88 -4.07
CA ALA A 321 -15.99 -4.25 -4.25
C ALA A 321 -15.48 -4.60 -5.65
N GLY A 322 -16.20 -4.19 -6.70
CA GLY A 322 -15.90 -4.77 -8.02
C GLY A 322 -14.50 -4.40 -8.51
N ASN A 323 -14.09 -3.18 -8.21
CA ASN A 323 -12.76 -2.70 -8.59
C ASN A 323 -11.63 -3.44 -7.85
N ALA A 324 -11.85 -3.76 -6.58
CA ALA A 324 -10.88 -4.51 -5.78
C ALA A 324 -10.72 -5.89 -6.38
N LEU A 325 -11.84 -6.51 -6.78
CA LEU A 325 -11.80 -7.87 -7.30
C LEU A 325 -11.07 -7.87 -8.66
N ALA A 326 -11.27 -6.84 -9.47
CA ALA A 326 -10.48 -6.68 -10.70
C ALA A 326 -8.97 -6.48 -10.48
N PHE A 327 -8.60 -5.54 -9.61
CA PHE A 327 -7.20 -5.28 -9.29
C PHE A 327 -6.48 -6.53 -8.75
N LEU A 328 -7.15 -7.27 -7.88
CA LEU A 328 -6.59 -8.48 -7.27
C LEU A 328 -6.71 -9.75 -8.17
N GLY A 329 -7.54 -9.70 -9.21
CA GLY A 329 -7.72 -10.85 -10.12
C GLY A 329 -8.52 -11.98 -9.48
N LEU A 330 -9.44 -11.60 -8.60
CA LEU A 330 -10.18 -12.52 -7.76
C LEU A 330 -11.67 -12.65 -8.11
N GLU A 331 -12.21 -13.83 -7.81
CA GLU A 331 -13.59 -14.17 -8.18
C GLU A 331 -14.61 -13.41 -7.38
N ARG A 332 -15.44 -12.72 -8.13
CA ARG A 332 -16.37 -11.75 -7.62
C ARG A 332 -17.02 -12.17 -6.33
ZN ZN B . -1.88 2.53 5.45
P 13P C . 1.41 4.05 8.70
O1P 13P C . 1.60 3.82 7.22
O2P 13P C . 2.09 5.28 9.27
O3P 13P C . 1.71 2.82 9.52
O1 13P C . -0.15 4.36 8.91
C1 13P C . -0.55 5.49 9.67
C2 13P C . -1.85 6.02 9.10
O2 13P C . -1.95 6.13 7.88
C3 13P C . -3.01 6.37 10.00
O3 13P C . -2.59 6.89 11.27
C1 GOL D . 19.63 0.72 -2.07
O1 GOL D . 18.37 0.19 -2.38
C2 GOL D . 19.92 1.79 -3.14
O2 GOL D . 19.82 3.10 -2.57
C3 GOL D . 21.35 1.51 -3.60
O3 GOL D . 21.77 2.54 -4.45
#